data_8CPA
#
_entry.id   8CPA
#
_cell.length_a   63.400
_cell.length_b   65.900
_cell.length_c   74.400
_cell.angle_alpha   90.00
_cell.angle_beta   90.00
_cell.angle_gamma   90.00
#
_symmetry.space_group_name_H-M   'P 21 21 21'
#
loop_
_entity.id
_entity.type
_entity.pdbx_description
1 polymer 'CARBOXYPEPTIDASE A'
2 non-polymer 'ZINC ION'
3 non-polymer O-(((1R)-((N-(PHENYL-METHOXY-CARBONYL)-ALANYL)-AMINO)METHYL)HYDROXYPHOSPHINYL)3-L-PHENYLLACTATE
4 water water
#
_entity_poly.entity_id   1
_entity_poly.type   'polypeptide(L)'
_entity_poly.pdbx_seq_one_letter_code
;ARSTNTFNYATYHTLDEIYDFMDLLVAQHPELVSKLQIGRSYEGRPIYVLKFSTGGSNRPAIWIDLGIHSREWITQATGV
WFAKKFTENYGQNPSFTAILDSMDIFLEIVTNPNGFAFTHSENRLWRKTRSVTSSSLCVGVDANRNWDAGFGKAGASSSP
CSETYHGKYANSEVEVKSIVDFVKNHGNFKAFLSIHSYSQLLLYPYGYTTQSIPDKTELNQVAKSAVAALKSLYGTSYKY
GSIITTIYQASGGSIDWSYNQGIKYSFTFELRDTGRYGFLLPASQIIPTAQETWLGVLTIMEHTVNN
;
_entity_poly.pdbx_strand_id   A
#
loop_
_chem_comp.id
_chem_comp.type
_chem_comp.name
_chem_comp.formula
AGF non-polymer O-(((1R)-((N-(PHENYL-METHOXY-CARBONYL)-ALANYL)-AMINO)METHYL)HYDROXYPHOSPHINYL)3-L-PHENYLLACTATE 'C21 H25 N2 O8 P'
ZN non-polymer 'ZINC ION' 'Zn 2'
#
# COMPACT_ATOMS: atom_id res chain seq x y z
N ALA A 1 -21.25 10.34 8.60
CA ALA A 1 -21.31 8.89 8.78
C ALA A 1 -22.54 8.40 9.59
N ARG A 2 -22.90 7.13 9.33
CA ARG A 2 -24.07 6.41 9.86
C ARG A 2 -24.37 5.53 8.65
N SER A 3 -23.59 5.96 7.65
CA SER A 3 -23.46 5.31 6.36
C SER A 3 -22.24 5.98 5.73
N THR A 4 -21.52 5.14 4.98
CA THR A 4 -20.33 5.58 4.28
C THR A 4 -20.67 6.71 3.33
N ASN A 5 -21.97 6.92 3.09
CA ASN A 5 -22.36 8.01 2.22
C ASN A 5 -22.21 9.37 2.90
N THR A 6 -22.46 9.46 4.21
CA THR A 6 -22.30 10.73 4.90
C THR A 6 -20.92 10.83 5.58
N PHE A 7 -20.08 9.82 5.28
CA PHE A 7 -18.73 9.79 5.84
C PHE A 7 -17.93 10.90 5.20
N ASN A 8 -16.98 11.55 5.89
CA ASN A 8 -16.27 12.65 5.28
C ASN A 8 -14.90 12.19 4.77
N TYR A 9 -14.78 12.05 3.43
CA TYR A 9 -13.58 11.61 2.71
C TYR A 9 -12.47 12.66 2.55
N ALA A 10 -12.82 13.91 2.80
CA ALA A 10 -11.91 14.98 2.56
C ALA A 10 -11.27 15.42 3.86
N THR A 11 -11.31 14.54 4.86
CA THR A 11 -10.64 14.82 6.11
C THR A 11 -9.83 13.61 6.59
N TYR A 12 -8.79 13.83 7.39
CA TYR A 12 -7.99 12.74 7.90
C TYR A 12 -8.70 12.10 9.08
N HIS A 13 -8.65 10.79 9.23
CA HIS A 13 -9.38 10.17 10.31
C HIS A 13 -8.48 9.45 11.27
N THR A 14 -8.97 9.07 12.42
CA THR A 14 -8.16 8.38 13.38
C THR A 14 -8.21 6.89 13.09
N LEU A 15 -7.48 6.02 13.80
CA LEU A 15 -7.57 4.58 13.58
C LEU A 15 -8.99 4.07 13.83
N ASP A 16 -9.68 4.49 14.90
CA ASP A 16 -11.03 4.01 15.18
C ASP A 16 -12.06 4.36 14.12
N GLU A 17 -12.01 5.59 13.61
CA GLU A 17 -12.94 5.99 12.55
C GLU A 17 -12.75 5.13 11.31
N ILE A 18 -11.51 4.85 10.94
CA ILE A 18 -11.22 4.00 9.78
C ILE A 18 -11.68 2.57 9.99
N TYR A 19 -11.41 1.94 11.13
CA TYR A 19 -11.90 0.59 11.38
C TYR A 19 -13.41 0.53 11.42
N ASP A 20 -14.08 1.52 12.05
CA ASP A 20 -15.53 1.64 12.05
C ASP A 20 -16.04 1.85 10.65
N PHE A 21 -15.44 2.73 9.82
CA PHE A 21 -15.78 2.80 8.42
C PHE A 21 -15.75 1.42 7.74
N MET A 22 -14.76 0.57 7.99
CA MET A 22 -14.74 -0.73 7.40
C MET A 22 -15.96 -1.56 7.72
N ASP A 23 -16.38 -1.58 8.97
CA ASP A 23 -17.62 -2.27 9.30
C ASP A 23 -18.86 -1.68 8.63
N LEU A 24 -18.98 -0.36 8.54
CA LEU A 24 -20.05 0.24 7.78
C LEU A 24 -20.12 -0.25 6.34
N LEU A 25 -18.98 -0.30 5.66
CA LEU A 25 -18.97 -0.67 4.24
C LEU A 25 -19.38 -2.11 3.99
N VAL A 26 -18.90 -3.02 4.83
CA VAL A 26 -19.21 -4.44 4.71
C VAL A 26 -20.69 -4.72 4.97
N ALA A 27 -21.19 -3.92 5.91
CA ALA A 27 -22.58 -3.98 6.30
C ALA A 27 -23.39 -3.45 5.13
N GLN A 28 -22.93 -2.42 4.44
CA GLN A 28 -23.63 -1.88 3.29
C GLN A 28 -23.50 -2.69 2.00
N HIS A 29 -22.49 -3.51 1.87
CA HIS A 29 -22.27 -4.24 0.66
C HIS A 29 -21.84 -5.62 1.03
N PRO A 30 -22.64 -6.34 1.81
CA PRO A 30 -22.27 -7.63 2.34
C PRO A 30 -21.97 -8.63 1.21
N GLU A 31 -22.44 -8.48 -0.04
CA GLU A 31 -22.15 -9.52 -1.02
C GLU A 31 -20.98 -9.15 -1.94
N LEU A 32 -20.32 -8.03 -1.66
CA LEU A 32 -19.18 -7.62 -2.44
C LEU A 32 -17.88 -7.52 -1.61
N VAL A 33 -18.02 -7.11 -0.33
CA VAL A 33 -16.87 -6.91 0.54
C VAL A 33 -16.98 -7.65 1.87
N SER A 34 -15.83 -8.14 2.30
CA SER A 34 -15.73 -8.81 3.58
C SER A 34 -14.45 -8.34 4.25
N LYS A 35 -14.44 -8.43 5.57
CA LYS A 35 -13.31 -8.00 6.35
C LYS A 35 -12.59 -9.22 6.89
N LEU A 36 -11.30 -9.36 6.62
CA LEU A 36 -10.55 -10.49 7.09
C LEU A 36 -9.51 -10.01 8.10
N GLN A 37 -9.26 -10.74 9.19
CA GLN A 37 -8.25 -10.35 10.13
C GLN A 37 -7.04 -11.20 9.75
N ILE A 38 -5.90 -10.66 9.33
CA ILE A 38 -4.76 -11.49 8.93
C ILE A 38 -3.69 -11.56 10.02
N GLY A 39 -3.90 -10.88 11.14
CA GLY A 39 -2.92 -10.93 12.20
C GLY A 39 -3.28 -9.94 13.27
N ARG A 40 -2.36 -9.75 14.22
CA ARG A 40 -2.48 -8.76 15.28
C ARG A 40 -1.15 -8.01 15.33
N SER A 41 -1.16 -6.71 15.64
CA SER A 41 0.06 -5.95 15.58
C SER A 41 0.91 -6.27 16.79
N TYR A 42 2.12 -5.74 16.88
CA TYR A 42 2.92 -5.95 18.07
C TYR A 42 2.22 -5.55 19.38
N GLU A 43 1.52 -4.41 19.41
CA GLU A 43 0.83 -3.98 20.60
C GLU A 43 -0.53 -4.60 20.76
N GLY A 44 -0.93 -5.50 19.86
CA GLY A 44 -2.15 -6.24 20.06
C GLY A 44 -3.37 -5.74 19.30
N ARG A 45 -3.22 -4.92 18.28
CA ARG A 45 -4.37 -4.44 17.50
C ARG A 45 -4.63 -5.36 16.32
N PRO A 46 -5.86 -5.55 15.90
CA PRO A 46 -6.16 -6.39 14.77
C PRO A 46 -5.70 -5.73 13.48
N ILE A 47 -5.17 -6.56 12.58
CA ILE A 47 -4.75 -6.10 11.27
C ILE A 47 -5.83 -6.57 10.29
N TYR A 48 -6.50 -5.64 9.58
CA TYR A 48 -7.56 -5.99 8.65
C TYR A 48 -7.23 -5.79 7.19
N VAL A 49 -7.78 -6.69 6.38
CA VAL A 49 -7.69 -6.65 4.92
C VAL A 49 -9.14 -6.71 4.38
N LEU A 50 -9.54 -5.81 3.50
CA LEU A 50 -10.89 -5.95 2.94
C LEU A 50 -10.77 -6.77 1.68
N LYS A 51 -11.61 -7.78 1.42
CA LYS A 51 -11.53 -8.52 0.20
C LYS A 51 -12.71 -8.08 -0.62
N PHE A 52 -12.51 -7.68 -1.87
CA PHE A 52 -13.64 -7.35 -2.71
C PHE A 52 -13.71 -8.48 -3.72
N SER A 53 -14.88 -9.09 -3.85
CA SER A 53 -14.97 -10.25 -4.70
C SER A 53 -16.40 -10.47 -5.13
N THR A 54 -16.54 -10.97 -6.33
CA THR A 54 -17.86 -11.14 -6.89
C THR A 54 -18.19 -12.62 -6.88
N GLY A 55 -17.25 -13.44 -6.39
CA GLY A 55 -17.43 -14.89 -6.22
C GLY A 55 -16.18 -15.69 -6.59
N GLY A 56 -16.34 -16.92 -7.07
CA GLY A 56 -15.22 -17.72 -7.55
C GLY A 56 -14.46 -18.54 -6.49
N SER A 57 -13.48 -19.34 -6.91
CA SER A 57 -12.75 -20.07 -5.88
C SER A 57 -11.45 -19.41 -5.47
N ASN A 58 -10.36 -19.65 -6.13
CA ASN A 58 -9.17 -18.97 -5.63
C ASN A 58 -8.85 -17.97 -6.73
N ARG A 59 -9.78 -17.07 -7.09
CA ARG A 59 -9.50 -16.16 -8.19
C ARG A 59 -8.17 -15.42 -8.15
N PRO A 60 -7.55 -15.14 -9.29
CA PRO A 60 -6.36 -14.30 -9.43
C PRO A 60 -6.65 -13.04 -8.68
N ALA A 61 -5.72 -12.60 -7.84
CA ALA A 61 -5.98 -11.43 -7.02
C ALA A 61 -4.94 -10.32 -7.18
N ILE A 62 -5.38 -9.15 -6.72
CA ILE A 62 -4.58 -7.93 -6.67
C ILE A 62 -4.50 -7.51 -5.21
N TRP A 63 -3.27 -7.30 -4.76
CA TRP A 63 -2.97 -6.88 -3.40
C TRP A 63 -2.66 -5.40 -3.38
N ILE A 64 -3.21 -4.60 -2.51
CA ILE A 64 -2.83 -3.21 -2.47
C ILE A 64 -2.66 -2.88 -0.98
N ASP A 65 -1.53 -2.39 -0.52
CA ASP A 65 -1.50 -2.05 0.88
C ASP A 65 -1.17 -0.58 1.00
N LEU A 66 -1.58 0.06 2.08
CA LEU A 66 -1.34 1.50 2.29
C LEU A 66 -0.91 1.68 3.76
N GLY A 67 -0.27 2.81 4.08
CA GLY A 67 0.11 3.10 5.47
C GLY A 67 1.15 2.18 6.10
N ILE A 68 2.03 1.49 5.36
CA ILE A 68 3.02 0.74 6.09
C ILE A 68 3.91 1.71 6.86
N HIS A 69 4.10 2.93 6.33
CA HIS A 69 4.83 3.99 7.04
C HIS A 69 3.73 4.90 7.62
N SER A 70 3.55 4.88 8.95
CA SER A 70 2.44 5.58 9.54
C SER A 70 2.30 7.09 9.38
N ARG A 71 3.37 7.90 9.26
CA ARG A 71 3.19 9.34 9.11
C ARG A 71 2.73 9.76 7.72
N GLU A 72 2.67 8.83 6.76
CA GLU A 72 2.30 9.16 5.40
C GLU A 72 0.78 9.21 5.33
N TRP A 73 0.16 10.15 6.05
CA TRP A 73 -1.31 10.14 6.14
C TRP A 73 -2.10 10.22 4.84
N ILE A 74 -1.54 10.75 3.74
CA ILE A 74 -2.34 10.78 2.52
C ILE A 74 -2.54 9.33 2.09
N THR A 75 -1.78 8.31 2.52
CA THR A 75 -2.06 6.97 2.00
C THR A 75 -3.25 6.29 2.68
N GLN A 76 -3.41 6.33 4.01
CA GLN A 76 -4.63 5.80 4.62
C GLN A 76 -5.89 6.49 4.13
N ALA A 77 -5.89 7.84 3.95
CA ALA A 77 -7.06 8.53 3.45
C ALA A 77 -7.39 8.15 1.99
N THR A 78 -6.38 7.93 1.16
CA THR A 78 -6.58 7.48 -0.20
C THR A 78 -7.20 6.09 -0.18
N GLY A 79 -6.77 5.22 0.77
CA GLY A 79 -7.27 3.84 0.89
C GLY A 79 -8.74 3.83 1.26
N VAL A 80 -9.12 4.64 2.24
CA VAL A 80 -10.53 4.80 2.55
C VAL A 80 -11.32 5.23 1.29
N TRP A 81 -10.87 6.22 0.52
CA TRP A 81 -11.64 6.65 -0.67
C TRP A 81 -11.64 5.54 -1.71
N PHE A 82 -10.56 4.76 -1.88
CA PHE A 82 -10.56 3.65 -2.82
C PHE A 82 -11.66 2.65 -2.53
N ALA A 83 -11.69 2.26 -1.25
CA ALA A 83 -12.62 1.25 -0.77
C ALA A 83 -14.04 1.72 -1.09
N LYS A 84 -14.39 2.98 -0.86
CA LYS A 84 -15.70 3.48 -1.22
C LYS A 84 -15.84 3.40 -2.72
N LYS A 85 -14.82 3.87 -3.47
CA LYS A 85 -14.81 3.90 -4.93
C LYS A 85 -15.14 2.55 -5.54
N PHE A 86 -14.58 1.48 -4.96
CA PHE A 86 -14.86 0.15 -5.48
C PHE A 86 -16.35 -0.19 -5.39
N THR A 87 -17.09 0.12 -4.34
CA THR A 87 -18.49 -0.27 -4.28
C THR A 87 -19.39 0.60 -5.14
N GLU A 88 -18.90 1.79 -5.52
CA GLU A 88 -19.70 2.70 -6.33
C GLU A 88 -19.55 2.32 -7.77
N ASN A 89 -18.31 2.06 -8.18
CA ASN A 89 -18.05 1.81 -9.57
C ASN A 89 -18.31 0.39 -9.97
N TYR A 90 -18.33 -0.57 -9.07
CA TYR A 90 -18.64 -1.90 -9.54
C TYR A 90 -20.09 -1.87 -9.99
N GLY A 91 -20.34 -2.24 -11.24
CA GLY A 91 -21.68 -2.19 -11.78
C GLY A 91 -21.84 -1.04 -12.77
N GLN A 92 -21.30 0.15 -12.47
CA GLN A 92 -21.42 1.28 -13.38
C GLN A 92 -20.24 1.40 -14.33
N ASN A 93 -19.03 1.27 -13.82
CA ASN A 93 -17.87 1.36 -14.68
C ASN A 93 -17.57 0.04 -15.37
N PRO A 94 -17.53 -0.02 -16.71
CA PRO A 94 -17.29 -1.24 -17.46
C PRO A 94 -15.93 -1.92 -17.37
N SER A 95 -14.81 -1.20 -17.26
CA SER A 95 -13.55 -1.91 -17.14
C SER A 95 -13.38 -2.39 -15.72
N PHE A 96 -13.82 -1.62 -14.71
CA PHE A 96 -13.69 -2.04 -13.33
C PHE A 96 -14.61 -3.22 -13.09
N THR A 97 -15.81 -3.13 -13.65
CA THR A 97 -16.73 -4.23 -13.47
C THR A 97 -16.11 -5.50 -14.04
N ALA A 98 -15.50 -5.40 -15.20
CA ALA A 98 -14.90 -6.55 -15.79
C ALA A 98 -13.71 -7.05 -15.02
N ILE A 99 -12.95 -6.16 -14.36
CA ILE A 99 -11.87 -6.64 -13.52
C ILE A 99 -12.51 -7.38 -12.37
N LEU A 100 -13.45 -6.78 -11.62
CA LEU A 100 -13.98 -7.53 -10.48
C LEU A 100 -14.74 -8.79 -10.85
N ASP A 101 -15.27 -8.91 -12.07
CA ASP A 101 -15.94 -10.14 -12.41
C ASP A 101 -14.96 -11.27 -12.67
N SER A 102 -13.65 -11.01 -12.82
CA SER A 102 -12.75 -12.13 -12.93
C SER A 102 -11.61 -12.15 -11.92
N MET A 103 -11.44 -11.07 -11.13
CA MET A 103 -10.36 -11.03 -10.14
C MET A 103 -10.75 -10.57 -8.75
N ASP A 104 -10.07 -10.97 -7.69
CA ASP A 104 -10.38 -10.47 -6.36
C ASP A 104 -9.39 -9.34 -6.04
N ILE A 105 -9.79 -8.35 -5.23
CA ILE A 105 -8.88 -7.24 -4.92
C ILE A 105 -8.70 -7.24 -3.44
N PHE A 106 -7.46 -7.25 -2.93
CA PHE A 106 -7.25 -7.23 -1.49
C PHE A 106 -6.63 -5.91 -1.06
N LEU A 107 -7.37 -5.19 -0.23
CA LEU A 107 -6.96 -3.85 0.18
C LEU A 107 -6.66 -3.71 1.68
N GLU A 108 -5.43 -3.31 2.01
CA GLU A 108 -5.09 -3.12 3.41
C GLU A 108 -4.85 -1.64 3.65
N ILE A 109 -5.81 -0.94 4.27
CA ILE A 109 -5.74 0.50 4.46
C ILE A 109 -4.73 0.94 5.50
N VAL A 110 -4.63 0.22 6.61
CA VAL A 110 -3.73 0.60 7.69
C VAL A 110 -2.73 -0.56 7.87
N THR A 111 -1.63 -0.61 7.13
CA THR A 111 -0.72 -1.76 7.24
C THR A 111 0.05 -1.77 8.58
N ASN A 112 0.23 -0.56 9.13
CA ASN A 112 0.96 -0.40 10.37
C ASN A 112 0.06 0.26 11.42
N PRO A 113 -0.89 -0.44 12.07
CA PRO A 113 -1.82 0.15 13.07
C PRO A 113 -1.16 0.79 14.28
N ASN A 114 -0.08 0.22 14.84
CA ASN A 114 0.50 0.73 16.06
C ASN A 114 1.17 2.07 15.80
N GLY A 115 1.95 2.16 14.73
CA GLY A 115 2.55 3.44 14.43
C GLY A 115 1.49 4.49 14.06
N PHE A 116 0.39 4.09 13.42
CA PHE A 116 -0.63 5.06 13.04
C PHE A 116 -1.27 5.65 14.30
N ALA A 117 -1.60 4.75 15.24
CA ALA A 117 -2.13 5.20 16.51
C ALA A 117 -1.15 6.17 17.16
N PHE A 118 0.11 5.84 17.10
CA PHE A 118 1.14 6.70 17.67
C PHE A 118 1.26 8.09 16.99
N THR A 119 1.03 8.22 15.66
CA THR A 119 1.09 9.50 14.99
C THR A 119 -0.05 10.41 15.41
N HIS A 120 -1.14 9.85 15.95
CA HIS A 120 -2.24 10.64 16.44
C HIS A 120 -2.07 11.04 17.89
N SER A 121 -1.61 10.14 18.76
CA SER A 121 -1.54 10.48 20.19
C SER A 121 -0.29 11.20 20.65
N GLU A 122 0.85 10.85 20.05
CA GLU A 122 2.15 11.35 20.49
C GLU A 122 3.14 11.89 19.46
N ASN A 123 3.27 11.35 18.25
CA ASN A 123 4.31 11.83 17.33
C ASN A 123 3.89 11.67 15.87
N ARG A 124 3.42 12.75 15.24
CA ARG A 124 2.90 12.76 13.87
C ARG A 124 3.88 12.29 12.81
N LEU A 125 5.18 12.37 13.09
CA LEU A 125 6.14 11.94 12.09
C LEU A 125 6.72 10.57 12.41
N TRP A 126 6.08 9.75 13.26
CA TRP A 126 6.57 8.39 13.50
C TRP A 126 6.49 7.56 12.20
N ARG A 127 7.52 6.81 11.81
CA ARG A 127 7.49 6.03 10.58
C ARG A 127 7.41 4.54 10.83
N LYS A 128 8.15 4.09 11.84
CA LYS A 128 8.26 2.67 12.10
C LYS A 128 7.12 1.97 12.83
N THR A 129 7.28 0.69 13.07
CA THR A 129 6.30 -0.03 13.85
C THR A 129 6.63 0.38 15.29
N ARG A 130 6.02 -0.29 16.27
CA ARG A 130 6.28 0.03 17.65
C ARG A 130 6.82 -1.17 18.42
N SER A 131 7.50 -2.12 17.77
CA SER A 131 8.08 -3.25 18.49
C SER A 131 9.26 -2.85 19.37
N VAL A 132 9.42 -3.53 20.51
CA VAL A 132 10.48 -3.18 21.42
C VAL A 132 11.61 -4.17 21.29
N THR A 133 12.73 -3.53 20.95
CA THR A 133 14.01 -4.18 20.74
C THR A 133 14.67 -4.28 22.13
N SER A 134 14.71 -5.50 22.71
CA SER A 134 15.21 -5.83 24.06
C SER A 134 16.73 -5.68 24.32
N SER A 135 17.31 -5.77 23.13
CA SER A 135 18.71 -5.59 22.91
C SER A 135 18.99 -4.10 22.89
N SER A 136 17.91 -3.31 22.90
CA SER A 136 18.01 -1.86 22.77
C SER A 136 16.83 -1.12 23.37
N LEU A 137 16.90 0.18 23.57
CA LEU A 137 15.74 0.88 24.09
C LEU A 137 15.07 1.71 23.02
N CYS A 138 15.64 1.74 21.83
CA CYS A 138 14.97 2.45 20.79
C CYS A 138 13.89 1.47 20.38
N VAL A 139 12.73 2.02 20.06
CA VAL A 139 11.53 1.29 19.68
C VAL A 139 11.29 1.25 18.18
N GLY A 140 10.82 0.12 17.62
CA GLY A 140 10.37 0.08 16.22
C GLY A 140 11.36 -0.27 15.12
N VAL A 141 10.83 -0.79 14.04
CA VAL A 141 11.59 -1.26 12.89
C VAL A 141 11.02 -0.62 11.64
N ASP A 142 11.80 -0.24 10.65
CA ASP A 142 11.17 0.20 9.42
C ASP A 142 10.56 -1.02 8.70
N ALA A 143 9.23 -1.13 8.64
CA ALA A 143 8.62 -2.28 7.97
C ALA A 143 8.88 -2.35 6.46
N ASN A 144 9.35 -1.27 5.81
CA ASN A 144 9.68 -1.40 4.42
C ASN A 144 11.19 -1.59 4.28
N ARG A 145 11.83 -2.03 5.37
CA ARG A 145 13.20 -2.54 5.23
C ARG A 145 13.22 -3.99 5.75
N ASN A 146 12.11 -4.61 6.09
CA ASN A 146 12.15 -5.88 6.79
C ASN A 146 11.77 -7.12 5.97
N TRP A 147 11.52 -6.97 4.66
CA TRP A 147 11.11 -8.07 3.82
C TRP A 147 12.32 -8.84 3.35
N ASP A 148 12.12 -10.08 2.91
CA ASP A 148 13.24 -10.93 2.56
C ASP A 148 13.63 -10.72 1.11
N ALA A 149 14.27 -9.61 0.80
CA ALA A 149 14.70 -9.30 -0.55
C ALA A 149 15.90 -8.39 -0.37
N GLY A 150 17.13 -8.96 -0.42
CA GLY A 150 18.31 -8.17 -0.20
C GLY A 150 18.32 -7.73 1.27
N PHE A 151 17.65 -8.48 2.17
CA PHE A 151 17.56 -8.09 3.58
C PHE A 151 18.88 -7.78 4.26
N GLY A 152 18.97 -6.61 4.88
CA GLY A 152 20.15 -6.28 5.64
C GLY A 152 21.32 -5.85 4.77
N LYS A 153 21.08 -5.60 3.51
CA LYS A 153 22.17 -5.16 2.69
C LYS A 153 22.16 -3.64 2.57
N ALA A 154 23.15 -2.96 1.96
CA ALA A 154 23.13 -1.51 1.86
C ALA A 154 21.81 -0.92 1.39
N GLY A 155 21.40 0.19 1.99
CA GLY A 155 20.09 0.72 1.68
C GLY A 155 19.21 0.58 2.90
N ALA A 156 19.78 0.26 4.07
CA ALA A 156 18.98 0.15 5.27
C ALA A 156 19.95 0.32 6.41
N SER A 157 19.42 0.72 7.56
CA SER A 157 20.28 0.87 8.71
C SER A 157 20.20 -0.29 9.68
N SER A 158 21.35 -0.57 10.33
CA SER A 158 21.37 -1.67 11.27
C SER A 158 21.38 -1.18 12.70
N SER A 159 21.23 0.15 12.84
CA SER A 159 21.05 0.76 14.13
C SER A 159 19.61 0.84 14.56
N PRO A 160 19.20 0.27 15.70
CA PRO A 160 17.85 0.33 16.25
C PRO A 160 17.21 1.68 16.38
N CYS A 161 18.00 2.71 16.56
CA CYS A 161 17.42 4.02 16.68
C CYS A 161 17.13 4.69 15.34
N SER A 162 17.63 4.15 14.24
CA SER A 162 17.42 4.72 12.93
C SER A 162 15.99 4.59 12.44
N GLU A 163 15.43 5.55 11.72
CA GLU A 163 14.09 5.29 11.24
C GLU A 163 14.02 4.45 9.97
N THR A 164 15.19 3.94 9.54
CA THR A 164 15.41 3.00 8.45
C THR A 164 15.90 1.63 9.01
N TYR A 165 15.82 1.36 10.32
CA TYR A 165 16.28 0.10 10.90
C TYR A 165 15.63 -1.13 10.30
N HIS A 166 16.39 -2.11 9.76
CA HIS A 166 15.80 -3.28 9.11
C HIS A 166 15.25 -4.35 10.07
N GLY A 167 15.63 -4.26 11.35
CA GLY A 167 15.14 -5.22 12.31
C GLY A 167 16.14 -6.36 12.45
N LYS A 168 15.89 -7.31 13.36
CA LYS A 168 16.89 -8.36 13.56
C LYS A 168 17.03 -9.48 12.55
N TYR A 169 16.00 -9.81 11.76
CA TYR A 169 16.06 -10.83 10.74
C TYR A 169 14.87 -10.53 9.87
N ALA A 170 14.78 -11.07 8.67
CA ALA A 170 13.67 -10.73 7.81
C ALA A 170 12.29 -11.18 8.32
N ASN A 171 11.24 -10.35 8.31
CA ASN A 171 9.94 -10.81 8.77
C ASN A 171 9.81 -10.99 10.27
N SER A 172 10.66 -10.23 10.97
CA SER A 172 10.64 -10.15 12.42
C SER A 172 9.41 -9.34 12.84
N GLU A 173 8.97 -8.35 12.04
CA GLU A 173 7.79 -7.59 12.39
C GLU A 173 6.52 -8.37 12.02
N VAL A 174 5.59 -8.57 12.96
CA VAL A 174 4.41 -9.34 12.65
C VAL A 174 3.54 -8.68 11.61
N GLU A 175 3.70 -7.36 11.43
CA GLU A 175 2.92 -6.63 10.45
C GLU A 175 3.38 -7.01 9.05
N VAL A 176 4.66 -7.34 8.87
CA VAL A 176 5.18 -7.83 7.60
C VAL A 176 4.84 -9.29 7.34
N LYS A 177 5.15 -10.12 8.34
CA LYS A 177 4.96 -11.57 8.30
C LYS A 177 3.51 -11.91 8.07
N SER A 178 2.59 -11.08 8.59
CA SER A 178 1.17 -11.38 8.42
C SER A 178 0.79 -11.31 6.96
N ILE A 179 1.37 -10.36 6.21
CA ILE A 179 1.11 -10.31 4.76
C ILE A 179 1.85 -11.45 4.05
N VAL A 180 3.13 -11.66 4.34
CA VAL A 180 3.89 -12.69 3.69
C VAL A 180 3.12 -14.00 3.78
N ASP A 181 2.69 -14.35 4.97
CA ASP A 181 2.00 -15.61 5.08
C ASP A 181 0.67 -15.65 4.33
N PHE A 182 -0.10 -14.59 4.30
CA PHE A 182 -1.38 -14.60 3.64
C PHE A 182 -1.15 -14.70 2.14
N VAL A 183 -0.13 -14.00 1.69
CA VAL A 183 0.22 -13.96 0.29
C VAL A 183 0.93 -15.19 -0.11
N LYS A 184 1.46 -16.09 0.74
CA LYS A 184 2.05 -17.32 0.19
C LYS A 184 0.94 -18.37 0.17
N ASN A 185 0.10 -18.33 1.18
CA ASN A 185 -0.96 -19.30 1.32
C ASN A 185 -1.96 -19.18 0.19
N HIS A 186 -2.57 -18.05 -0.12
CA HIS A 186 -3.37 -17.83 -1.34
C HIS A 186 -2.67 -18.32 -2.62
N GLY A 187 -1.59 -17.83 -3.16
CA GLY A 187 -0.85 -18.58 -4.13
C GLY A 187 -1.27 -18.08 -5.47
N ASN A 188 -2.09 -17.03 -5.50
CA ASN A 188 -2.58 -16.65 -6.81
C ASN A 188 -2.69 -15.15 -7.02
N PHE A 189 -1.80 -14.39 -6.36
CA PHE A 189 -1.69 -12.95 -6.61
C PHE A 189 -0.97 -12.67 -7.90
N LYS A 190 -1.52 -11.77 -8.71
CA LYS A 190 -0.90 -11.38 -9.97
C LYS A 190 -0.28 -9.97 -9.95
N ALA A 191 -0.76 -9.14 -9.02
CA ALA A 191 -0.25 -7.78 -8.86
C ALA A 191 -0.19 -7.43 -7.36
N PHE A 192 0.87 -6.72 -6.98
CA PHE A 192 1.14 -6.32 -5.61
C PHE A 192 1.53 -4.85 -5.61
N LEU A 193 0.70 -4.03 -4.99
CA LEU A 193 0.79 -2.57 -5.01
C LEU A 193 0.96 -2.02 -3.60
N SER A 194 2.06 -1.29 -3.37
CA SER A 194 2.27 -0.73 -2.02
C SER A 194 2.29 0.79 -2.13
N ILE A 195 1.44 1.53 -1.42
CA ILE A 195 1.31 2.99 -1.58
C ILE A 195 1.97 3.73 -0.44
N HIS A 196 2.80 4.70 -0.83
CA HIS A 196 3.55 5.50 0.10
C HIS A 196 3.41 6.98 -0.31
N SER A 197 4.07 7.88 0.43
CA SER A 197 4.21 9.28 0.00
C SER A 197 5.48 9.77 0.67
N TYR A 198 6.18 10.80 0.22
CA TYR A 198 5.75 11.57 -0.95
C TYR A 198 6.83 11.60 -2.02
N SER A 199 6.54 12.22 -3.17
CA SER A 199 7.52 12.55 -4.19
C SER A 199 7.01 12.44 -5.60
N GLN A 200 5.81 11.89 -5.80
CA GLN A 200 5.22 11.70 -7.14
C GLN A 200 6.04 10.83 -8.08
N LEU A 201 6.16 9.57 -7.64
CA LEU A 201 6.93 8.60 -8.37
C LEU A 201 6.16 7.31 -8.51
N LEU A 202 6.46 6.52 -9.57
CA LEU A 202 5.82 5.23 -9.67
C LEU A 202 7.00 4.29 -9.79
N LEU A 203 7.21 3.38 -8.85
CA LEU A 203 8.46 2.62 -8.90
C LEU A 203 8.23 1.12 -9.03
N TYR A 204 9.20 0.48 -9.71
CA TYR A 204 9.26 -0.97 -9.77
C TYR A 204 10.66 -1.46 -9.39
N PRO A 205 10.91 -2.75 -9.25
CA PRO A 205 12.13 -3.29 -8.68
C PRO A 205 13.37 -3.01 -9.49
N TYR A 206 14.58 -3.00 -8.98
CA TYR A 206 14.88 -3.33 -7.60
C TYR A 206 15.32 -2.10 -6.87
N GLY A 207 15.22 -2.18 -5.54
CA GLY A 207 15.72 -1.12 -4.70
C GLY A 207 17.12 -1.44 -4.19
N TYR A 208 17.50 -2.71 -4.06
CA TYR A 208 18.82 -2.98 -3.49
C TYR A 208 19.95 -3.23 -4.47
N THR A 209 19.68 -3.47 -5.73
CA THR A 209 20.74 -3.71 -6.70
C THR A 209 20.40 -2.94 -7.98
N THR A 210 21.42 -2.47 -8.67
CA THR A 210 21.21 -1.85 -9.95
C THR A 210 20.94 -2.89 -11.02
N GLN A 211 20.97 -4.21 -10.76
CA GLN A 211 20.67 -5.17 -11.82
C GLN A 211 19.23 -5.02 -12.22
N SER A 212 19.03 -5.22 -13.53
CA SER A 212 17.71 -5.10 -14.13
C SER A 212 16.81 -6.31 -13.90
N ILE A 213 15.52 -6.13 -13.62
CA ILE A 213 14.62 -7.28 -13.61
C ILE A 213 14.48 -7.77 -15.06
N PRO A 214 14.23 -9.08 -15.30
CA PRO A 214 14.01 -9.63 -16.63
C PRO A 214 12.85 -8.97 -17.39
N ASP A 215 11.80 -8.52 -16.66
CA ASP A 215 10.66 -7.89 -17.34
C ASP A 215 10.70 -6.36 -17.31
N LYS A 216 11.84 -5.68 -17.40
CA LYS A 216 11.92 -4.22 -17.28
C LYS A 216 11.16 -3.50 -18.38
N THR A 217 11.28 -3.99 -19.61
CA THR A 217 10.56 -3.37 -20.73
C THR A 217 9.05 -3.29 -20.54
N GLU A 218 8.48 -4.38 -20.05
CA GLU A 218 7.06 -4.40 -19.81
C GLU A 218 6.62 -3.52 -18.63
N LEU A 219 7.24 -3.66 -17.44
CA LEU A 219 6.87 -2.87 -16.29
C LEU A 219 7.07 -1.39 -16.61
N ASN A 220 8.07 -1.13 -17.44
CA ASN A 220 8.35 0.25 -17.75
C ASN A 220 7.25 0.80 -18.63
N GLN A 221 6.76 -0.05 -19.53
CA GLN A 221 5.74 0.45 -20.43
C GLN A 221 4.44 0.57 -19.66
N VAL A 222 4.21 -0.37 -18.76
CA VAL A 222 3.04 -0.26 -17.93
C VAL A 222 3.02 1.02 -17.08
N ALA A 223 4.19 1.36 -16.49
CA ALA A 223 4.37 2.55 -15.64
C ALA A 223 4.13 3.81 -16.46
N LYS A 224 4.67 3.77 -17.70
CA LYS A 224 4.51 4.88 -18.61
C LYS A 224 3.01 5.15 -18.75
N SER A 225 2.21 4.13 -19.07
CA SER A 225 0.77 4.26 -19.20
C SER A 225 0.01 4.76 -17.97
N ALA A 226 0.33 4.18 -16.79
CA ALA A 226 -0.34 4.55 -15.55
C ALA A 226 -0.10 6.02 -15.19
N VAL A 227 1.10 6.48 -15.47
CA VAL A 227 1.53 7.83 -15.14
C VAL A 227 0.79 8.80 -16.05
N ALA A 228 0.62 8.38 -17.31
CA ALA A 228 -0.11 9.22 -18.27
C ALA A 228 -1.59 9.24 -17.91
N ALA A 229 -2.20 8.13 -17.50
CA ALA A 229 -3.59 8.20 -17.07
C ALA A 229 -3.76 9.04 -15.79
N LEU A 230 -2.79 8.92 -14.88
CA LEU A 230 -2.88 9.67 -13.64
C LEU A 230 -2.83 11.18 -13.98
N LYS A 231 -1.93 11.57 -14.87
CA LYS A 231 -1.75 12.97 -15.20
C LYS A 231 -2.93 13.59 -15.96
N SER A 232 -3.83 12.73 -16.44
CA SER A 232 -4.96 13.20 -17.20
C SER A 232 -5.93 14.08 -16.42
N LEU A 233 -6.10 13.83 -15.13
CA LEU A 233 -7.08 14.57 -14.33
C LEU A 233 -6.71 16.03 -13.98
N TYR A 234 -5.63 16.20 -13.21
CA TYR A 234 -5.18 17.52 -12.76
C TYR A 234 -3.80 17.91 -13.26
N GLY A 235 -3.24 17.13 -14.17
CA GLY A 235 -1.94 17.47 -14.73
C GLY A 235 -0.77 17.14 -13.79
N THR A 236 -0.97 16.31 -12.77
CA THR A 236 0.09 16.01 -11.83
C THR A 236 1.19 15.18 -12.46
N SER A 237 2.44 15.58 -12.26
CA SER A 237 3.52 14.92 -12.96
C SER A 237 4.23 13.92 -12.11
N TYR A 238 4.41 12.73 -12.65
CA TYR A 238 5.07 11.69 -11.90
C TYR A 238 6.30 11.25 -12.68
N LYS A 239 7.38 10.90 -11.99
CA LYS A 239 8.48 10.28 -12.70
C LYS A 239 8.37 8.76 -12.45
N TYR A 240 9.03 7.88 -13.21
CA TYR A 240 8.96 6.47 -12.92
C TYR A 240 10.26 5.77 -13.31
N GLY A 241 10.50 4.60 -12.71
CA GLY A 241 11.70 3.82 -12.99
C GLY A 241 11.93 2.85 -11.83
N SER A 242 13.08 2.15 -11.82
CA SER A 242 13.37 1.25 -10.71
C SER A 242 13.58 2.06 -9.42
N ILE A 243 13.41 1.43 -8.27
CA ILE A 243 13.60 2.12 -7.02
C ILE A 243 14.96 2.77 -6.89
N ILE A 244 16.05 2.04 -7.19
CA ILE A 244 17.38 2.53 -6.83
C ILE A 244 17.84 3.74 -7.59
N THR A 245 17.22 3.74 -8.77
CA THR A 245 17.44 4.69 -9.84
C THR A 245 16.51 5.91 -9.70
N THR A 246 15.34 5.75 -9.09
CA THR A 246 14.39 6.85 -9.08
C THR A 246 14.19 7.56 -7.73
N ILE A 247 14.37 6.90 -6.58
CA ILE A 247 14.40 7.66 -5.35
C ILE A 247 15.69 7.35 -4.67
N TYR A 248 16.00 6.13 -4.26
CA TYR A 248 17.33 5.86 -3.72
C TYR A 248 17.52 4.38 -3.43
N GLN A 249 18.71 3.98 -2.98
CA GLN A 249 18.97 2.59 -2.68
C GLN A 249 18.17 2.20 -1.45
N ALA A 250 17.41 1.11 -1.47
CA ALA A 250 16.66 0.72 -0.28
C ALA A 250 16.67 -0.80 -0.25
N SER A 251 17.00 -1.47 0.87
CA SER A 251 17.03 -2.92 0.81
C SER A 251 15.92 -3.54 1.65
N GLY A 252 15.35 -4.69 1.30
CA GLY A 252 14.37 -5.30 2.17
C GLY A 252 13.02 -4.72 1.91
N GLY A 253 12.83 -4.14 0.72
CA GLY A 253 11.58 -3.44 0.41
C GLY A 253 10.53 -4.44 -0.05
N SER A 254 9.23 -4.16 0.14
CA SER A 254 8.22 -5.19 -0.12
C SER A 254 8.02 -5.58 -1.57
N ILE A 255 8.14 -4.65 -2.49
CA ILE A 255 7.87 -4.94 -3.89
C ILE A 255 9.04 -5.73 -4.47
N ASP A 256 10.26 -5.67 -3.94
CA ASP A 256 11.34 -6.54 -4.42
C ASP A 256 11.07 -8.00 -3.99
N TRP A 257 10.48 -8.18 -2.80
CA TRP A 257 10.05 -9.47 -2.29
C TRP A 257 8.86 -9.98 -3.09
N SER A 258 7.77 -9.28 -3.32
CA SER A 258 6.70 -9.85 -4.13
C SER A 258 7.14 -10.14 -5.54
N TYR A 259 8.00 -9.30 -6.14
CA TYR A 259 8.48 -9.54 -7.50
C TYR A 259 9.37 -10.78 -7.43
N ASN A 260 10.22 -10.93 -6.43
CA ASN A 260 10.94 -12.18 -6.38
C ASN A 260 10.06 -13.38 -6.10
N GLN A 261 8.83 -13.24 -5.65
CA GLN A 261 8.02 -14.44 -5.42
C GLN A 261 7.28 -14.79 -6.67
N GLY A 262 7.49 -14.12 -7.79
CA GLY A 262 6.73 -14.47 -8.97
C GLY A 262 5.66 -13.44 -9.36
N ILE A 263 5.37 -12.46 -8.50
CA ILE A 263 4.35 -11.48 -8.80
C ILE A 263 4.96 -10.38 -9.65
N LYS A 264 4.72 -10.57 -10.95
CA LYS A 264 5.27 -9.70 -11.98
C LYS A 264 4.88 -8.24 -11.83
N TYR A 265 3.61 -7.90 -11.64
CA TYR A 265 3.28 -6.50 -11.55
C TYR A 265 3.41 -5.97 -10.12
N SER A 266 4.64 -5.64 -9.73
CA SER A 266 4.94 -5.16 -8.40
C SER A 266 5.38 -3.72 -8.50
N PHE A 267 4.59 -2.78 -7.97
CA PHE A 267 4.94 -1.37 -8.11
C PHE A 267 4.72 -0.60 -6.81
N THR A 268 5.47 0.43 -6.53
CA THR A 268 5.11 1.26 -5.43
C THR A 268 4.82 2.65 -5.95
N PHE A 269 3.72 3.19 -5.48
CA PHE A 269 3.37 4.57 -5.80
C PHE A 269 3.85 5.46 -4.67
N GLU A 270 4.45 6.61 -5.00
CA GLU A 270 4.80 7.61 -4.02
C GLU A 270 3.87 8.78 -4.29
N LEU A 271 2.86 9.02 -3.47
CA LEU A 271 1.89 10.08 -3.68
C LEU A 271 2.38 11.52 -3.53
N ARG A 272 1.45 12.46 -3.70
CA ARG A 272 1.70 13.88 -3.51
C ARG A 272 2.29 14.15 -2.12
N ASP A 273 3.13 15.18 -1.95
CA ASP A 273 3.53 16.01 -3.07
C ASP A 273 5.00 15.78 -3.43
N THR A 274 5.73 16.83 -3.83
CA THR A 274 7.12 16.64 -4.09
C THR A 274 7.94 17.33 -3.01
N GLY A 275 7.36 17.74 -1.88
CA GLY A 275 8.19 18.33 -0.82
C GLY A 275 7.66 19.63 -0.21
N ARG A 276 6.76 20.38 -0.85
CA ARG A 276 6.34 21.65 -0.26
C ARG A 276 5.62 21.45 1.06
N TYR A 277 4.70 20.50 1.10
CA TYR A 277 4.06 20.10 2.35
C TYR A 277 4.58 18.73 2.80
N GLY A 278 5.06 17.87 1.89
CA GLY A 278 5.64 16.61 2.32
C GLY A 278 4.63 15.71 3.01
N PHE A 279 4.93 15.24 4.22
CA PHE A 279 4.03 14.35 4.93
C PHE A 279 2.82 15.06 5.48
N LEU A 280 2.87 16.39 5.64
CA LEU A 280 1.70 17.08 6.16
C LEU A 280 0.96 17.84 5.05
N LEU A 281 0.51 17.02 4.08
CA LEU A 281 -0.26 17.47 2.91
C LEU A 281 -1.58 17.98 3.40
N PRO A 282 -2.04 19.18 3.05
CA PRO A 282 -3.29 19.69 3.55
C PRO A 282 -4.46 18.79 3.19
N ALA A 283 -5.49 18.73 4.04
CA ALA A 283 -6.65 17.88 3.80
C ALA A 283 -7.42 18.19 2.55
N SER A 284 -7.22 19.38 2.02
CA SER A 284 -7.87 19.79 0.75
C SER A 284 -7.40 19.02 -0.48
N GLN A 285 -6.29 18.33 -0.27
CA GLN A 285 -5.59 17.56 -1.29
C GLN A 285 -5.97 16.10 -1.28
N ILE A 286 -6.69 15.57 -0.30
CA ILE A 286 -7.03 14.13 -0.25
C ILE A 286 -7.83 13.67 -1.45
N ILE A 287 -8.98 14.30 -1.70
CA ILE A 287 -9.78 13.93 -2.86
C ILE A 287 -9.08 14.06 -4.20
N PRO A 288 -8.48 15.17 -4.67
CA PRO A 288 -7.82 15.20 -5.96
C PRO A 288 -6.73 14.15 -5.98
N THR A 289 -6.00 13.96 -4.89
CA THR A 289 -4.95 12.93 -4.83
C THR A 289 -5.59 11.55 -4.94
N ALA A 290 -6.64 11.21 -4.18
CA ALA A 290 -7.20 9.90 -4.36
C ALA A 290 -7.77 9.68 -5.77
N GLN A 291 -8.51 10.59 -6.39
CA GLN A 291 -9.05 10.43 -7.73
C GLN A 291 -8.02 10.15 -8.81
N GLU A 292 -6.92 10.93 -8.80
CA GLU A 292 -5.94 10.71 -9.84
C GLU A 292 -5.13 9.45 -9.61
N THR A 293 -4.81 9.07 -8.37
CA THR A 293 -4.05 7.86 -8.17
C THR A 293 -4.90 6.63 -8.50
N TRP A 294 -6.23 6.71 -8.38
CA TRP A 294 -7.11 5.65 -8.82
C TRP A 294 -6.99 5.37 -10.34
N LEU A 295 -6.86 6.39 -11.18
CA LEU A 295 -6.69 6.20 -12.61
C LEU A 295 -5.39 5.48 -12.94
N GLY A 296 -4.34 5.73 -12.18
CA GLY A 296 -3.10 5.00 -12.38
C GLY A 296 -3.24 3.55 -11.92
N VAL A 297 -3.86 3.31 -10.79
CA VAL A 297 -4.00 1.95 -10.31
C VAL A 297 -4.92 1.18 -11.23
N LEU A 298 -6.04 1.77 -11.68
CA LEU A 298 -6.96 1.08 -12.60
C LEU A 298 -6.20 0.70 -13.87
N THR A 299 -5.27 1.52 -14.40
CA THR A 299 -4.44 1.14 -15.55
C THR A 299 -3.63 -0.11 -15.32
N ILE A 300 -3.03 -0.25 -14.15
CA ILE A 300 -2.25 -1.42 -13.88
C ILE A 300 -3.14 -2.67 -13.77
N MET A 301 -4.32 -2.55 -13.15
CA MET A 301 -5.20 -3.70 -12.96
C MET A 301 -5.70 -4.19 -14.32
N GLU A 302 -5.88 -3.24 -15.24
CA GLU A 302 -6.34 -3.58 -16.57
C GLU A 302 -5.26 -4.34 -17.33
N HIS A 303 -3.98 -3.99 -17.17
CA HIS A 303 -2.92 -4.71 -17.86
C HIS A 303 -2.78 -6.11 -17.30
N THR A 304 -2.94 -6.19 -15.96
CA THR A 304 -2.88 -7.42 -15.20
C THR A 304 -3.92 -8.43 -15.66
N VAL A 305 -5.11 -7.92 -15.92
CA VAL A 305 -6.21 -8.77 -16.31
C VAL A 305 -6.11 -9.40 -17.68
N ASN A 306 -5.36 -8.72 -18.52
CA ASN A 306 -5.26 -9.17 -19.88
C ASN A 306 -3.85 -9.64 -20.24
N ASN A 307 -2.87 -9.67 -19.32
CA ASN A 307 -1.52 -9.98 -19.76
C ASN A 307 -0.76 -10.72 -18.70
ZN ZN B . 6.95 5.21 3.05
C1 AGF C . 12.82 11.06 4.56
O1 AGF C . 13.07 11.94 5.33
O1A AGF C . 12.49 11.26 3.32
CB1 AGF C . 12.43 12.56 2.78
CG1 AGF C . 12.27 12.51 1.36
CDB AGF C . 11.09 12.84 0.80
CDL AGF C . 13.30 12.13 0.59
CEB AGF C . 10.94 12.78 -0.54
CEL AGF C . 13.15 12.06 -0.75
CZ1 AGF C . 11.97 12.38 -1.32
C2 AGF C . 11.10 8.57 3.85
O2 AGF C . 10.20 8.61 4.62
CA2 AGF C . 12.50 8.66 4.21
CB2 AGF C . 12.87 7.35 4.91
N2 AGF C . 12.90 9.80 4.97
CA3 AGF C . 9.56 8.16 2.01
N3 AGF C . 10.84 8.29 2.53
P3 AGF C . 9.06 6.63 1.56
O1P AGF C . 8.73 5.76 2.80
O2P AGF C . 7.91 6.97 0.58
O3P AGF C . 10.19 5.96 0.57
CA4 AGF C . 10.10 4.54 0.29
C4 AGF C . 10.85 3.99 1.39
O41 AGF C . 11.80 4.54 1.85
O42 AGF C . 10.43 2.85 1.88
CB4 AGF C . 10.96 4.08 -0.88
CG4 AGF C . 10.92 2.70 -1.27
CDE AGF C . 9.86 2.21 -1.96
CDO AGF C . 11.92 1.86 -0.92
CEE AGF C . 9.81 0.90 -2.32
CEO AGF C . 11.88 0.56 -1.27
CZ4 AGF C . 10.82 0.07 -1.97
#